data_2E3F
#
_entry.id   2E3F
#
_entity_poly.entity_id   1
_entity_poly.type   'polypeptide(L)'
_entity_poly.pdbx_seq_one_letter_code
;ATCDLASFSSQWVTPNDSLCAAHCIARRYRGGYCNGKRVCVCR
;
_entity_poly.pdbx_strand_id   A
#
# COMPACT_ATOMS: atom_id res chain seq x y z
N ALA A 1 -1.80 -0.92 9.11
CA ALA A 1 -2.95 -0.09 8.72
C ALA A 1 -3.95 -0.93 7.94
N THR A 2 -4.65 -0.30 6.99
CA THR A 2 -5.63 -0.99 6.17
C THR A 2 -4.96 -2.13 5.41
N CYS A 3 -5.59 -3.31 5.45
CA CYS A 3 -5.08 -4.51 4.78
C CYS A 3 -3.82 -5.05 5.47
N ASP A 4 -2.78 -4.23 5.53
CA ASP A 4 -1.53 -4.60 6.18
C ASP A 4 -1.64 -4.33 7.68
N LEU A 5 -2.57 -5.03 8.33
CA LEU A 5 -2.83 -4.85 9.75
C LEU A 5 -2.21 -5.96 10.58
N ALA A 6 -1.70 -5.59 11.76
CA ALA A 6 -1.07 -6.52 12.69
C ALA A 6 0.06 -7.31 12.01
N SER A 7 0.09 -8.61 12.25
CA SER A 7 1.11 -9.46 11.65
C SER A 7 0.78 -9.65 10.17
N PHE A 8 1.39 -8.81 9.35
CA PHE A 8 1.16 -8.83 7.91
C PHE A 8 1.53 -10.17 7.28
N SER A 9 0.64 -10.64 6.42
CA SER A 9 0.81 -11.90 5.72
C SER A 9 -0.27 -12.04 4.65
N SER A 10 -0.51 -10.95 3.92
CA SER A 10 -1.52 -10.93 2.87
C SER A 10 -1.22 -11.98 1.80
N GLN A 11 -2.23 -12.74 1.43
CA GLN A 11 -2.09 -13.78 0.41
C GLN A 11 -2.18 -13.18 -0.99
N TRP A 12 -1.36 -12.17 -1.23
CA TRP A 12 -1.30 -11.48 -2.51
C TRP A 12 0.01 -10.70 -2.57
N VAL A 13 0.07 -9.67 -3.40
CA VAL A 13 1.27 -8.86 -3.51
C VAL A 13 1.46 -8.00 -2.27
N THR A 14 2.68 -8.01 -1.75
CA THR A 14 3.02 -7.23 -0.57
C THR A 14 2.82 -5.75 -0.83
N PRO A 15 2.24 -5.02 0.15
CA PRO A 15 2.00 -3.59 0.01
C PRO A 15 3.29 -2.80 -0.16
N ASN A 16 4.31 -3.17 0.62
CA ASN A 16 5.64 -2.53 0.60
C ASN A 16 5.58 -1.02 0.33
N ASP A 17 4.86 -0.31 1.19
CA ASP A 17 4.71 1.15 1.08
C ASP A 17 6.05 1.83 0.87
N SER A 18 7.08 1.29 1.50
CA SER A 18 8.44 1.81 1.41
C SER A 18 8.88 2.00 -0.05
N LEU A 19 8.33 1.19 -0.95
CA LEU A 19 8.67 1.27 -2.36
C LEU A 19 7.45 1.57 -3.21
N CYS A 20 6.37 0.84 -2.99
CA CYS A 20 5.14 1.01 -3.76
C CYS A 20 4.55 2.40 -3.52
N ALA A 21 4.43 2.81 -2.26
CA ALA A 21 3.88 4.12 -1.93
C ALA A 21 4.80 5.22 -2.40
N ALA A 22 6.10 4.97 -2.30
CA ALA A 22 7.10 5.96 -2.75
C ALA A 22 6.92 6.27 -4.22
N HIS A 23 6.65 5.22 -5.01
CA HIS A 23 6.43 5.40 -6.43
C HIS A 23 5.15 6.19 -6.67
N CYS A 24 4.15 5.94 -5.84
CA CYS A 24 2.87 6.64 -5.93
C CYS A 24 3.09 8.13 -5.71
N ILE A 25 3.91 8.46 -4.72
CA ILE A 25 4.23 9.85 -4.39
C ILE A 25 4.84 10.57 -5.59
N ALA A 26 5.60 9.82 -6.39
CA ALA A 26 6.23 10.36 -7.59
C ALA A 26 5.20 10.90 -8.57
N ARG A 27 4.00 10.32 -8.54
CA ARG A 27 2.94 10.74 -9.43
C ARG A 27 1.80 11.42 -8.69
N ARG A 28 2.17 12.24 -7.69
CA ARG A 28 1.22 13.01 -6.90
C ARG A 28 0.20 12.15 -6.14
N TYR A 29 0.56 10.93 -5.81
CA TYR A 29 -0.34 10.06 -5.05
C TYR A 29 0.15 9.98 -3.61
N ARG A 30 -0.75 9.68 -2.69
CA ARG A 30 -0.38 9.57 -1.29
C ARG A 30 0.45 8.33 -1.05
N GLY A 31 -0.06 7.19 -1.52
CA GLY A 31 0.67 5.95 -1.35
C GLY A 31 -0.25 4.74 -1.38
N GLY A 32 0.17 3.69 -2.07
CA GLY A 32 -0.62 2.47 -2.14
C GLY A 32 -0.67 1.75 -0.81
N TYR A 33 0.35 0.94 -0.52
CA TYR A 33 0.44 0.18 0.71
C TYR A 33 -0.83 -0.65 0.94
N CYS A 34 -1.25 -1.32 -0.15
CA CYS A 34 -2.45 -2.17 -0.15
C CYS A 34 -3.71 -1.33 0.09
N ASN A 35 -4.59 -1.30 -0.91
CA ASN A 35 -5.82 -0.51 -0.81
C ASN A 35 -6.89 -1.25 -0.02
N GLY A 36 -8.16 -0.91 -0.30
CA GLY A 36 -9.27 -1.52 0.38
C GLY A 36 -9.37 -3.01 0.13
N LYS A 37 -9.17 -3.43 -1.12
CA LYS A 37 -9.22 -4.84 -1.45
C LYS A 37 -7.94 -5.54 -1.02
N ARG A 38 -6.92 -5.47 -1.86
CA ARG A 38 -5.62 -6.10 -1.56
C ARG A 38 -4.55 -5.76 -2.59
N VAL A 39 -4.81 -4.76 -3.42
CA VAL A 39 -3.85 -4.34 -4.43
C VAL A 39 -3.18 -3.03 -4.02
N CYS A 40 -1.90 -2.89 -4.30
CA CYS A 40 -1.18 -1.67 -3.95
C CYS A 40 -1.41 -0.57 -4.98
N VAL A 41 -2.68 -0.31 -5.29
CA VAL A 41 -3.02 0.73 -6.25
C VAL A 41 -2.66 2.09 -5.68
N CYS A 42 -2.02 2.92 -6.51
CA CYS A 42 -1.62 4.24 -6.08
C CYS A 42 -2.82 5.15 -5.92
N ARG A 43 -2.87 5.84 -4.79
CA ARG A 43 -3.95 6.76 -4.48
C ARG A 43 -3.47 7.74 -3.43
N ALA A 1 -8.32 -3.78 6.64
CA ALA A 1 -7.16 -4.46 7.28
C ALA A 1 -6.36 -5.20 6.22
N THR A 2 -5.04 -5.01 6.26
CA THR A 2 -4.09 -5.63 5.32
C THR A 2 -4.60 -5.58 3.86
N CYS A 3 -4.24 -6.58 3.06
CA CYS A 3 -4.66 -6.63 1.67
C CYS A 3 -6.10 -7.09 1.54
N ASP A 4 -6.48 -8.13 2.27
CA ASP A 4 -7.84 -8.65 2.22
C ASP A 4 -8.23 -9.28 3.55
N LEU A 5 -9.53 -9.43 3.76
CA LEU A 5 -10.05 -10.03 4.99
C LEU A 5 -9.60 -11.48 5.11
N ALA A 6 -9.48 -12.16 3.97
CA ALA A 6 -9.07 -13.55 3.93
C ALA A 6 -7.62 -13.70 4.40
N SER A 7 -6.82 -12.68 4.16
CA SER A 7 -5.42 -12.69 4.54
C SER A 7 -5.25 -12.51 6.06
N PHE A 8 -4.49 -13.40 6.67
CA PHE A 8 -4.25 -13.33 8.10
C PHE A 8 -2.99 -14.11 8.50
N SER A 9 -2.27 -14.61 7.50
CA SER A 9 -1.04 -15.35 7.75
C SER A 9 0.09 -14.38 8.03
N SER A 10 0.43 -14.21 9.31
CA SER A 10 1.48 -13.29 9.73
C SER A 10 1.15 -11.88 9.25
N GLN A 11 2.18 -11.14 8.80
CA GLN A 11 2.07 -9.75 8.29
C GLN A 11 1.39 -8.80 9.28
N TRP A 12 2.10 -7.75 9.62
CA TRP A 12 1.59 -6.74 10.55
C TRP A 12 0.43 -5.98 9.92
N VAL A 13 -0.54 -5.61 10.74
CA VAL A 13 -1.74 -4.89 10.30
C VAL A 13 -1.44 -3.42 9.94
N THR A 14 -0.40 -3.20 9.17
CA THR A 14 -0.03 -1.86 8.74
C THR A 14 0.35 -1.86 7.27
N PRO A 15 -0.10 -0.84 6.52
CA PRO A 15 0.19 -0.71 5.10
C PRO A 15 1.70 -0.70 4.82
N ASN A 16 2.43 0.04 5.65
CA ASN A 16 3.89 0.16 5.54
C ASN A 16 4.28 1.01 4.32
N ASP A 17 3.63 0.72 3.19
CA ASP A 17 3.85 1.44 1.94
C ASP A 17 5.29 1.29 1.48
N SER A 18 5.82 0.08 1.60
CA SER A 18 7.18 -0.22 1.23
C SER A 18 7.39 -0.09 -0.28
N LEU A 19 8.30 0.82 -0.67
CA LEU A 19 8.68 1.13 -2.07
C LEU A 19 7.53 1.53 -3.00
N CYS A 20 6.39 0.88 -2.86
CA CYS A 20 5.22 1.15 -3.70
C CYS A 20 4.75 2.61 -3.53
N ALA A 21 4.80 3.11 -2.30
CA ALA A 21 4.39 4.48 -2.03
C ALA A 21 5.27 5.47 -2.78
N ALA A 22 6.56 5.16 -2.87
CA ALA A 22 7.52 6.03 -3.56
C ALA A 22 7.06 6.29 -4.99
N HIS A 23 6.60 5.24 -5.67
CA HIS A 23 6.13 5.36 -7.04
C HIS A 23 4.89 6.24 -7.08
N CYS A 24 4.02 6.05 -6.09
CA CYS A 24 2.79 6.82 -5.97
C CYS A 24 3.10 8.30 -5.72
N ILE A 25 3.97 8.56 -4.77
CA ILE A 25 4.36 9.92 -4.43
C ILE A 25 4.98 10.61 -5.64
N ALA A 26 5.77 9.85 -6.40
CA ALA A 26 6.42 10.36 -7.61
C ALA A 26 5.39 10.81 -8.65
N ARG A 27 4.17 10.32 -8.53
CA ARG A 27 3.11 10.67 -9.46
C ARG A 27 2.02 11.49 -8.76
N ARG A 28 2.43 12.21 -7.72
CA ARG A 28 1.53 13.06 -6.94
C ARG A 28 0.39 12.30 -6.29
N TYR A 29 0.70 11.18 -5.64
CA TYR A 29 -0.29 10.39 -4.93
C TYR A 29 0.15 10.22 -3.49
N ARG A 30 -0.81 10.03 -2.60
CA ARG A 30 -0.51 9.85 -1.18
C ARG A 30 0.22 8.52 -0.98
N GLY A 31 -0.29 7.49 -1.63
CA GLY A 31 0.29 6.17 -1.51
C GLY A 31 -0.53 5.28 -0.60
N GLY A 32 -0.72 4.04 -1.00
CA GLY A 32 -1.51 3.12 -0.20
C GLY A 32 -1.27 1.67 -0.57
N TYR A 33 -0.71 0.93 0.37
CA TYR A 33 -0.43 -0.47 0.16
C TYR A 33 -1.70 -1.30 0.25
N CYS A 34 -1.89 -2.19 -0.71
CA CYS A 34 -3.04 -3.08 -0.77
C CYS A 34 -4.36 -2.36 -0.52
N ASN A 35 -4.87 -1.71 -1.55
CA ASN A 35 -6.14 -0.98 -1.45
C ASN A 35 -7.31 -1.98 -1.47
N GLY A 36 -8.46 -1.52 -1.93
CA GLY A 36 -9.64 -2.38 -2.02
C GLY A 36 -9.41 -3.52 -2.99
N LYS A 37 -8.52 -3.29 -3.95
CA LYS A 37 -8.20 -4.28 -4.98
C LYS A 37 -7.28 -5.38 -4.43
N ARG A 38 -7.00 -5.32 -3.13
CA ARG A 38 -6.12 -6.30 -2.45
C ARG A 38 -4.68 -6.20 -2.95
N VAL A 39 -4.39 -5.15 -3.70
CA VAL A 39 -3.06 -4.92 -4.24
C VAL A 39 -2.70 -3.44 -4.08
N CYS A 40 -1.41 -3.13 -3.98
CA CYS A 40 -0.99 -1.75 -3.80
C CYS A 40 -1.37 -0.92 -5.03
N VAL A 41 -2.17 0.11 -4.79
CA VAL A 41 -2.62 1.00 -5.84
C VAL A 41 -2.38 2.44 -5.42
N CYS A 42 -1.96 3.28 -6.35
CA CYS A 42 -1.70 4.67 -6.05
C CYS A 42 -2.98 5.46 -5.86
N ARG A 43 -3.10 6.07 -4.70
CA ARG A 43 -4.27 6.88 -4.36
C ARG A 43 -3.88 7.85 -3.25
N ALA A 1 -10.07 -9.36 5.52
CA ALA A 1 -10.32 -7.97 5.96
C ALA A 1 -9.99 -6.99 4.84
N THR A 2 -8.80 -7.12 4.26
CA THR A 2 -8.38 -6.24 3.18
C THR A 2 -7.09 -6.73 2.53
N CYS A 3 -6.14 -7.20 3.34
CA CYS A 3 -4.85 -7.69 2.83
C CYS A 3 -4.27 -8.72 3.79
N ASP A 4 -3.39 -9.57 3.27
CA ASP A 4 -2.73 -10.59 4.08
C ASP A 4 -1.95 -9.91 5.20
N LEU A 5 -1.95 -10.53 6.38
CA LEU A 5 -1.28 -9.98 7.58
C LEU A 5 -2.13 -8.85 8.18
N ALA A 6 -2.68 -8.00 7.33
CA ALA A 6 -3.51 -6.89 7.75
C ALA A 6 -4.82 -7.40 8.35
N SER A 7 -5.14 -8.65 8.03
CA SER A 7 -6.35 -9.31 8.52
C SER A 7 -6.37 -9.31 10.05
N PHE A 8 -5.19 -9.48 10.63
CA PHE A 8 -5.04 -9.49 12.08
C PHE A 8 -5.20 -8.08 12.61
N SER A 9 -5.95 -7.96 13.70
CA SER A 9 -6.20 -6.66 14.30
C SER A 9 -4.93 -6.05 14.91
N SER A 10 -4.73 -4.76 14.61
CA SER A 10 -3.59 -4.00 15.11
C SER A 10 -2.25 -4.62 14.72
N GLN A 11 -1.95 -4.63 13.42
CA GLN A 11 -0.69 -5.16 12.94
C GLN A 11 -0.24 -4.46 11.66
N TRP A 12 -1.14 -4.38 10.71
CA TRP A 12 -0.86 -3.74 9.44
C TRP A 12 -1.90 -2.67 9.12
N VAL A 13 -2.17 -1.82 10.09
CA VAL A 13 -3.12 -0.73 9.91
C VAL A 13 -2.47 0.37 9.10
N THR A 14 -1.19 0.59 9.37
CA THR A 14 -0.41 1.59 8.67
C THR A 14 -0.05 1.10 7.27
N PRO A 15 -0.10 1.98 6.25
CA PRO A 15 0.22 1.61 4.87
C PRO A 15 1.66 1.12 4.74
N ASN A 16 2.48 1.46 5.74
CA ASN A 16 3.90 1.09 5.81
C ASN A 16 4.72 1.92 4.82
N ASP A 17 4.22 2.03 3.60
CA ASP A 17 4.87 2.79 2.54
C ASP A 17 6.29 2.27 2.33
N SER A 18 6.42 0.96 2.19
CA SER A 18 7.72 0.33 2.01
C SER A 18 8.36 0.68 0.66
N LEU A 19 7.59 0.55 -0.42
CA LEU A 19 8.10 0.85 -1.75
C LEU A 19 7.00 1.27 -2.71
N CYS A 20 5.84 0.61 -2.61
CA CYS A 20 4.71 0.90 -3.47
C CYS A 20 4.26 2.35 -3.37
N ALA A 21 4.22 2.88 -2.15
CA ALA A 21 3.81 4.26 -1.94
C ALA A 21 4.74 5.24 -2.65
N ALA A 22 6.03 4.93 -2.67
CA ALA A 22 7.02 5.79 -3.31
C ALA A 22 6.68 5.98 -4.78
N HIS A 23 6.25 4.91 -5.43
CA HIS A 23 5.85 4.96 -6.84
C HIS A 23 4.65 5.88 -6.98
N CYS A 24 3.76 5.82 -6.01
CA CYS A 24 2.56 6.64 -5.99
C CYS A 24 2.92 8.11 -5.79
N ILE A 25 3.72 8.38 -4.75
CA ILE A 25 4.15 9.74 -4.43
C ILE A 25 4.85 10.39 -5.62
N ALA A 26 5.56 9.57 -6.40
CA ALA A 26 6.28 10.04 -7.57
C ALA A 26 5.34 10.77 -8.53
N ARG A 27 4.10 10.31 -8.61
CA ARG A 27 3.12 10.92 -9.50
C ARG A 27 2.14 11.79 -8.71
N ARG A 28 2.63 12.39 -7.63
CA ARG A 28 1.85 13.28 -6.77
C ARG A 28 0.64 12.57 -6.12
N TYR A 29 0.74 11.27 -5.89
CA TYR A 29 -0.35 10.56 -5.24
C TYR A 29 -0.20 10.67 -3.73
N ARG A 30 -1.26 10.34 -3.01
CA ARG A 30 -1.25 10.38 -1.56
C ARG A 30 -0.34 9.28 -1.03
N GLY A 31 -0.49 8.10 -1.60
CA GLY A 31 0.31 6.95 -1.19
C GLY A 31 -0.56 5.73 -0.96
N GLY A 32 -0.04 4.57 -1.34
CA GLY A 32 -0.80 3.35 -1.17
C GLY A 32 0.09 2.14 -1.26
N TYR A 33 -0.17 1.15 -0.43
CA TYR A 33 0.61 -0.07 -0.43
C TYR A 33 -0.26 -1.29 -0.67
N CYS A 34 -1.41 -1.33 -0.02
CA CYS A 34 -2.31 -2.44 -0.18
C CYS A 34 -3.72 -2.02 0.18
N ASN A 35 -4.63 -2.14 -0.78
CA ASN A 35 -6.02 -1.76 -0.59
C ASN A 35 -6.87 -3.00 -0.45
N GLY A 36 -8.20 -2.83 -0.48
CA GLY A 36 -9.11 -3.97 -0.37
C GLY A 36 -8.88 -5.00 -1.47
N LYS A 37 -8.36 -4.53 -2.60
CA LYS A 37 -8.08 -5.37 -3.75
C LYS A 37 -6.80 -6.18 -3.56
N ARG A 38 -6.09 -5.95 -2.45
CA ARG A 38 -4.83 -6.66 -2.15
C ARG A 38 -3.78 -6.34 -3.21
N VAL A 39 -3.74 -5.08 -3.62
CA VAL A 39 -2.80 -4.61 -4.63
C VAL A 39 -2.26 -3.24 -4.24
N CYS A 40 -1.03 -2.94 -4.66
CA CYS A 40 -0.39 -1.66 -4.37
C CYS A 40 -1.03 -0.53 -5.17
N VAL A 41 -2.35 -0.40 -5.08
CA VAL A 41 -3.07 0.63 -5.79
C VAL A 41 -2.69 2.00 -5.26
N CYS A 42 -2.30 2.89 -6.15
CA CYS A 42 -1.89 4.22 -5.75
C CYS A 42 -3.08 5.08 -5.39
N ARG A 43 -3.12 5.47 -4.14
CA ARG A 43 -4.18 6.31 -3.61
C ARG A 43 -3.73 7.75 -3.67
N ALA A 1 -12.11 -2.81 7.43
CA ALA A 1 -11.58 -4.18 7.27
C ALA A 1 -11.06 -4.40 5.85
N THR A 2 -10.10 -3.57 5.45
CA THR A 2 -9.51 -3.67 4.12
C THR A 2 -8.54 -4.85 4.03
N CYS A 3 -7.32 -4.62 3.53
CA CYS A 3 -6.33 -5.69 3.43
C CYS A 3 -5.94 -6.14 4.81
N ASP A 4 -5.82 -5.17 5.71
CA ASP A 4 -5.49 -5.42 7.08
C ASP A 4 -6.69 -5.99 7.82
N LEU A 5 -6.47 -7.09 8.52
CA LEU A 5 -7.53 -7.75 9.26
C LEU A 5 -6.92 -8.61 10.35
N ALA A 6 -5.88 -9.35 9.98
CA ALA A 6 -5.17 -10.21 10.92
C ALA A 6 -4.46 -9.33 11.95
N SER A 7 -3.87 -8.26 11.48
CA SER A 7 -3.17 -7.32 12.33
C SER A 7 -4.10 -6.16 12.69
N PHE A 8 -4.30 -5.93 13.98
CA PHE A 8 -5.17 -4.85 14.44
C PHE A 8 -4.39 -3.55 14.55
N SER A 9 -3.10 -3.69 14.85
CA SER A 9 -2.22 -2.54 15.00
C SER A 9 -2.76 -1.54 16.02
N SER A 10 -2.62 -0.25 15.71
CA SER A 10 -3.10 0.83 16.55
C SER A 10 -2.79 2.15 15.86
N GLN A 11 -3.82 2.96 15.60
CA GLN A 11 -3.65 4.23 14.91
C GLN A 11 -2.94 4.02 13.58
N TRP A 12 -3.58 3.25 12.72
CA TRP A 12 -3.04 2.90 11.40
C TRP A 12 -3.14 4.09 10.44
N VAL A 13 -2.48 5.18 10.80
CA VAL A 13 -2.46 6.37 9.99
C VAL A 13 -1.34 6.29 8.97
N THR A 14 -1.63 6.68 7.73
CA THR A 14 -0.66 6.64 6.63
C THR A 14 -0.45 5.20 6.16
N PRO A 15 -0.44 4.97 4.83
CA PRO A 15 -0.24 3.64 4.25
C PRO A 15 0.98 2.92 4.83
N ASN A 16 2.02 3.70 5.14
CA ASN A 16 3.25 3.18 5.71
C ASN A 16 3.83 2.06 4.84
N ASP A 17 3.85 2.31 3.55
CA ASP A 17 4.37 1.35 2.59
C ASP A 17 5.78 1.76 2.14
N SER A 18 5.88 3.02 1.72
CA SER A 18 7.14 3.63 1.27
C SER A 18 7.67 3.06 -0.06
N LEU A 19 7.79 1.75 -0.19
CA LEU A 19 8.33 1.13 -1.40
C LEU A 19 7.40 1.30 -2.60
N CYS A 20 6.24 0.68 -2.55
CA CYS A 20 5.26 0.79 -3.62
C CYS A 20 4.73 2.22 -3.65
N ALA A 21 4.60 2.78 -2.45
CA ALA A 21 4.12 4.13 -2.28
C ALA A 21 5.01 5.15 -2.99
N ALA A 22 6.32 4.87 -3.05
CA ALA A 22 7.26 5.78 -3.72
C ALA A 22 6.81 6.06 -5.15
N HIS A 23 6.40 5.01 -5.84
CA HIS A 23 5.92 5.11 -7.21
C HIS A 23 4.71 6.05 -7.26
N CYS A 24 3.88 5.94 -6.25
CA CYS A 24 2.67 6.73 -6.12
C CYS A 24 2.99 8.18 -5.73
N ILE A 25 3.83 8.34 -4.71
CA ILE A 25 4.23 9.67 -4.22
C ILE A 25 4.78 10.53 -5.34
N ALA A 26 5.62 9.94 -6.17
CA ALA A 26 6.23 10.64 -7.29
C ALA A 26 5.16 11.18 -8.24
N ARG A 27 4.06 10.44 -8.36
CA ARG A 27 2.95 10.82 -9.23
C ARG A 27 1.90 11.65 -8.48
N ARG A 28 2.35 12.40 -7.47
CA ARG A 28 1.47 13.27 -6.69
C ARG A 28 0.45 12.50 -5.84
N TYR A 29 0.62 11.19 -5.73
CA TYR A 29 -0.29 10.39 -4.92
C TYR A 29 0.19 10.31 -3.48
N ARG A 30 -0.72 9.98 -2.57
CA ARG A 30 -0.39 9.85 -1.16
C ARG A 30 0.44 8.61 -0.93
N GLY A 31 -0.02 7.50 -1.48
CA GLY A 31 0.67 6.24 -1.33
C GLY A 31 -0.09 5.10 -1.98
N GLY A 32 0.01 3.91 -1.40
CA GLY A 32 -0.70 2.78 -1.95
C GLY A 32 -0.23 1.46 -1.36
N TYR A 33 -0.29 1.34 -0.04
CA TYR A 33 0.14 0.11 0.64
C TYR A 33 -0.66 -1.08 0.12
N CYS A 34 -1.98 -0.94 0.16
CA CYS A 34 -2.87 -1.98 -0.30
C CYS A 34 -4.29 -1.42 -0.32
N ASN A 35 -4.94 -1.49 -1.47
CA ASN A 35 -6.29 -0.96 -1.60
C ASN A 35 -7.32 -2.07 -1.50
N GLY A 36 -8.59 -1.73 -1.71
CA GLY A 36 -9.67 -2.71 -1.65
C GLY A 36 -9.47 -3.84 -2.64
N LYS A 37 -8.73 -3.57 -3.71
CA LYS A 37 -8.46 -4.55 -4.75
C LYS A 37 -7.45 -5.61 -4.26
N ARG A 38 -7.09 -5.54 -2.97
CA ARG A 38 -6.14 -6.47 -2.36
C ARG A 38 -4.79 -6.40 -3.05
N VAL A 39 -4.42 -5.20 -3.45
CA VAL A 39 -3.18 -4.98 -4.15
C VAL A 39 -2.74 -3.51 -4.06
N CYS A 40 -1.46 -3.28 -4.26
CA CYS A 40 -0.91 -1.93 -4.20
C CYS A 40 -1.46 -1.09 -5.35
N VAL A 41 -2.16 -0.03 -5.00
CA VAL A 41 -2.74 0.88 -5.99
C VAL A 41 -2.52 2.31 -5.50
N CYS A 42 -2.04 3.16 -6.38
CA CYS A 42 -1.76 4.53 -6.02
C CYS A 42 -3.03 5.32 -5.73
N ARG A 43 -2.99 6.06 -4.63
CA ARG A 43 -4.11 6.87 -4.18
C ARG A 43 -3.59 7.90 -3.20
N ALA A 1 -10.53 -9.86 0.47
CA ALA A 1 -11.27 -9.12 1.50
C ALA A 1 -10.68 -7.72 1.72
N THR A 2 -10.47 -7.01 0.60
CA THR A 2 -9.90 -5.66 0.60
C THR A 2 -8.62 -5.57 1.41
N CYS A 3 -8.37 -4.38 1.97
CA CYS A 3 -7.19 -4.11 2.77
C CYS A 3 -7.25 -2.66 3.22
N ASP A 4 -7.63 -1.80 2.28
CA ASP A 4 -7.76 -0.37 2.55
C ASP A 4 -8.81 -0.14 3.63
N LEU A 5 -8.50 0.77 4.55
CA LEU A 5 -9.38 1.11 5.68
C LEU A 5 -9.45 -0.01 6.71
N ALA A 6 -9.54 -1.25 6.25
CA ALA A 6 -9.63 -2.39 7.15
C ALA A 6 -8.30 -2.64 7.87
N SER A 7 -7.20 -2.54 7.14
CA SER A 7 -5.89 -2.78 7.71
C SER A 7 -5.53 -1.73 8.77
N PHE A 8 -5.42 -0.47 8.36
CA PHE A 8 -5.07 0.59 9.30
C PHE A 8 -6.26 0.99 10.16
N SER A 9 -6.00 1.29 11.42
CA SER A 9 -7.04 1.69 12.35
C SER A 9 -6.41 2.36 13.58
N SER A 10 -5.59 3.37 13.31
CA SER A 10 -4.90 4.12 14.36
C SER A 10 -4.14 5.29 13.72
N GLN A 11 -3.05 5.71 14.35
CA GLN A 11 -2.25 6.81 13.83
C GLN A 11 -1.30 6.30 12.74
N TRP A 12 -1.88 5.73 11.69
CA TRP A 12 -1.11 5.21 10.58
C TRP A 12 -0.78 6.33 9.60
N VAL A 13 -0.01 7.31 10.06
CA VAL A 13 0.39 8.44 9.23
C VAL A 13 1.12 7.95 7.99
N THR A 14 0.58 8.30 6.82
CA THR A 14 1.11 7.92 5.51
C THR A 14 1.11 6.39 5.32
N PRO A 15 0.84 5.94 4.08
CA PRO A 15 0.79 4.51 3.75
C PRO A 15 2.04 3.76 4.19
N ASN A 16 1.85 2.77 5.07
CA ASN A 16 2.96 1.96 5.59
C ASN A 16 3.50 0.99 4.53
N ASP A 17 3.41 1.41 3.28
CA ASP A 17 3.89 0.61 2.17
C ASP A 17 5.34 0.97 1.86
N SER A 18 5.58 2.28 1.81
CA SER A 18 6.91 2.91 1.57
C SER A 18 7.54 2.57 0.21
N LEU A 19 7.70 1.29 -0.12
CA LEU A 19 8.32 0.90 -1.40
C LEU A 19 7.45 1.22 -2.60
N CYS A 20 6.34 0.49 -2.74
CA CYS A 20 5.41 0.71 -3.85
C CYS A 20 4.88 2.13 -3.79
N ALA A 21 4.66 2.60 -2.57
CA ALA A 21 4.16 3.95 -2.31
C ALA A 21 5.09 5.01 -2.90
N ALA A 22 6.40 4.73 -2.89
CA ALA A 22 7.38 5.68 -3.42
C ALA A 22 7.07 6.08 -4.86
N HIS A 23 6.71 5.10 -5.67
CA HIS A 23 6.37 5.35 -7.07
C HIS A 23 5.07 6.13 -7.14
N CYS A 24 4.17 5.83 -6.21
CA CYS A 24 2.88 6.51 -6.13
C CYS A 24 3.07 7.98 -5.73
N ILE A 25 4.02 8.24 -4.84
CA ILE A 25 4.31 9.59 -4.38
C ILE A 25 4.70 10.48 -5.56
N ALA A 26 5.40 9.90 -6.52
CA ALA A 26 5.82 10.61 -7.73
C ALA A 26 4.60 11.11 -8.49
N ARG A 27 3.53 10.33 -8.44
CA ARG A 27 2.26 10.68 -9.10
C ARG A 27 1.41 11.54 -8.17
N ARG A 28 2.09 12.29 -7.30
CA ARG A 28 1.47 13.18 -6.31
C ARG A 28 0.39 12.47 -5.46
N TYR A 29 0.55 11.17 -5.28
CA TYR A 29 -0.38 10.40 -4.45
C TYR A 29 0.19 10.27 -3.04
N ARG A 30 -0.68 10.01 -2.08
CA ARG A 30 -0.24 9.83 -0.70
C ARG A 30 0.65 8.61 -0.58
N GLY A 31 0.26 7.56 -1.29
CA GLY A 31 1.03 6.34 -1.28
C GLY A 31 0.35 5.26 -2.11
N GLY A 32 0.47 4.03 -1.67
CA GLY A 32 -0.14 2.94 -2.39
C GLY A 32 -0.38 1.74 -1.51
N TYR A 33 -0.74 2.01 -0.26
CA TYR A 33 -1.02 0.94 0.68
C TYR A 33 -2.23 0.14 0.20
N CYS A 34 -2.07 -1.18 0.12
CA CYS A 34 -3.09 -2.14 -0.33
C CYS A 34 -4.51 -1.57 -0.31
N ASN A 35 -5.15 -1.50 -1.47
CA ASN A 35 -6.50 -0.96 -1.54
C ASN A 35 -7.54 -2.07 -1.42
N GLY A 36 -8.70 -1.87 -2.03
CA GLY A 36 -9.74 -2.87 -1.99
C GLY A 36 -9.34 -4.10 -2.78
N LYS A 37 -8.61 -3.86 -3.86
CA LYS A 37 -8.13 -4.91 -4.73
C LYS A 37 -7.05 -5.76 -4.04
N ARG A 38 -6.68 -5.37 -2.80
CA ARG A 38 -5.66 -6.06 -2.00
C ARG A 38 -4.25 -5.76 -2.50
N VAL A 39 -4.14 -5.40 -3.77
CA VAL A 39 -2.88 -5.09 -4.39
C VAL A 39 -2.54 -3.61 -4.20
N CYS A 40 -1.26 -3.27 -4.31
CA CYS A 40 -0.81 -1.90 -4.17
C CYS A 40 -1.43 -1.03 -5.25
N VAL A 41 -2.13 0.01 -4.82
CA VAL A 41 -2.76 0.95 -5.75
C VAL A 41 -2.50 2.36 -5.25
N CYS A 42 -1.95 3.19 -6.12
CA CYS A 42 -1.63 4.55 -5.77
C CYS A 42 -2.88 5.36 -5.46
N ARG A 43 -2.89 5.98 -4.29
CA ARG A 43 -4.00 6.80 -3.85
C ARG A 43 -3.57 7.59 -2.61
N ALA A 1 -7.22 -6.78 9.56
CA ALA A 1 -6.48 -5.74 8.81
C ALA A 1 -7.10 -5.57 7.43
N THR A 2 -6.88 -4.40 6.84
CA THR A 2 -7.42 -4.12 5.51
C THR A 2 -6.97 -5.15 4.50
N CYS A 3 -5.68 -5.44 4.47
CA CYS A 3 -5.15 -6.43 3.54
C CYS A 3 -4.63 -7.64 4.30
N ASP A 4 -3.77 -7.41 5.28
CA ASP A 4 -3.19 -8.49 6.09
C ASP A 4 -2.47 -9.48 5.17
N LEU A 5 -2.62 -10.77 5.43
CA LEU A 5 -1.99 -11.80 4.62
C LEU A 5 -3.04 -12.78 4.10
N ALA A 6 -2.99 -14.03 4.57
CA ALA A 6 -3.90 -15.09 4.17
C ALA A 6 -3.67 -15.47 2.69
N SER A 7 -4.05 -14.55 1.81
CA SER A 7 -3.84 -14.74 0.39
C SER A 7 -2.47 -14.19 0.02
N PHE A 8 -1.87 -14.74 -1.03
CA PHE A 8 -0.54 -14.33 -1.49
C PHE A 8 0.50 -14.63 -0.41
N SER A 9 0.38 -15.80 0.21
CA SER A 9 1.29 -16.21 1.26
C SER A 9 2.65 -16.53 0.67
N SER A 10 3.70 -15.96 1.26
CA SER A 10 5.07 -16.17 0.80
C SER A 10 5.19 -15.79 -0.68
N GLN A 11 4.66 -14.62 -1.02
CA GLN A 11 4.67 -14.14 -2.38
C GLN A 11 4.97 -12.63 -2.38
N TRP A 12 4.17 -11.88 -3.13
CA TRP A 12 4.36 -10.43 -3.20
C TRP A 12 3.03 -9.70 -3.09
N VAL A 13 3.02 -8.70 -2.22
CA VAL A 13 1.85 -7.88 -1.98
C VAL A 13 2.28 -6.68 -1.13
N THR A 14 3.42 -6.12 -1.54
CA THR A 14 4.02 -4.98 -0.86
C THR A 14 3.08 -3.77 -0.85
N PRO A 15 2.74 -3.26 0.33
CA PRO A 15 1.87 -2.10 0.47
C PRO A 15 2.54 -0.84 -0.09
N ASN A 16 1.75 0.03 -0.71
CA ASN A 16 2.28 1.26 -1.31
C ASN A 16 2.66 2.29 -0.27
N ASP A 17 3.22 1.83 0.83
CA ASP A 17 3.65 2.72 1.89
C ASP A 17 5.13 2.48 2.17
N SER A 18 5.53 1.22 2.18
CA SER A 18 6.91 0.85 2.45
C SER A 18 7.81 1.12 1.23
N LEU A 19 7.48 0.50 0.11
CA LEU A 19 8.28 0.69 -1.11
C LEU A 19 7.41 1.10 -2.29
N CYS A 20 6.21 0.55 -2.40
CA CYS A 20 5.31 0.90 -3.50
C CYS A 20 4.87 2.37 -3.38
N ALA A 21 5.24 3.00 -2.26
CA ALA A 21 4.93 4.40 -2.01
C ALA A 21 5.65 5.29 -3.00
N ALA A 22 6.88 4.91 -3.37
CA ALA A 22 7.68 5.68 -4.32
C ALA A 22 6.91 5.92 -5.61
N HIS A 23 6.33 4.85 -6.14
CA HIS A 23 5.53 4.91 -7.37
C HIS A 23 4.37 5.88 -7.18
N CYS A 24 3.74 5.81 -6.03
CA CYS A 24 2.60 6.65 -5.70
C CYS A 24 2.99 8.12 -5.53
N ILE A 25 3.91 8.38 -4.61
CA ILE A 25 4.37 9.72 -4.32
C ILE A 25 4.90 10.43 -5.56
N ALA A 26 5.58 9.67 -6.43
CA ALA A 26 6.11 10.22 -7.67
C ALA A 26 5.01 10.79 -8.56
N ARG A 27 3.85 10.14 -8.54
CA ARG A 27 2.72 10.59 -9.36
C ARG A 27 1.74 11.44 -8.56
N ARG A 28 2.27 12.16 -7.58
CA ARG A 28 1.50 13.07 -6.73
C ARG A 28 0.48 12.34 -5.85
N TYR A 29 0.77 11.09 -5.47
CA TYR A 29 -0.12 10.34 -4.59
C TYR A 29 0.49 10.30 -3.20
N ARG A 30 -0.32 10.04 -2.19
CA ARG A 30 0.18 9.97 -0.83
C ARG A 30 0.78 8.60 -0.56
N GLY A 31 0.07 7.57 -0.99
CA GLY A 31 0.53 6.21 -0.79
C GLY A 31 -0.66 5.28 -0.67
N GLY A 32 -0.66 4.21 -1.46
CA GLY A 32 -1.77 3.28 -1.43
C GLY A 32 -1.79 2.37 -0.21
N TYR A 33 -0.62 1.80 0.13
CA TYR A 33 -0.49 0.91 1.27
C TYR A 33 -1.49 -0.25 1.15
N CYS A 34 -1.59 -0.78 -0.08
CA CYS A 34 -2.49 -1.89 -0.40
C CYS A 34 -3.96 -1.48 -0.31
N ASN A 35 -4.74 -1.84 -1.31
CA ASN A 35 -6.15 -1.50 -1.33
C ASN A 35 -7.01 -2.76 -1.38
N GLY A 36 -8.30 -2.59 -1.64
CA GLY A 36 -9.23 -3.71 -1.71
C GLY A 36 -8.82 -4.77 -2.71
N LYS A 37 -8.30 -4.34 -3.85
CA LYS A 37 -7.87 -5.27 -4.89
C LYS A 37 -6.63 -6.08 -4.48
N ARG A 38 -6.03 -5.72 -3.34
CA ARG A 38 -4.85 -6.41 -2.84
C ARG A 38 -3.68 -6.26 -3.83
N VAL A 39 -3.63 -5.09 -4.44
CA VAL A 39 -2.60 -4.75 -5.42
C VAL A 39 -1.98 -3.42 -5.03
N CYS A 40 -0.83 -3.08 -5.62
CA CYS A 40 -0.15 -1.81 -5.33
C CYS A 40 -0.92 -0.62 -5.90
N VAL A 41 -2.15 -0.43 -5.42
CA VAL A 41 -2.97 0.69 -5.86
C VAL A 41 -2.61 1.92 -5.03
N CYS A 42 -2.38 3.03 -5.71
CA CYS A 42 -1.98 4.27 -5.05
C CYS A 42 -3.17 5.10 -4.57
N ARG A 43 -3.06 5.61 -3.35
CA ARG A 43 -4.08 6.47 -2.77
C ARG A 43 -3.64 7.91 -2.86
N ALA A 1 -6.88 -6.94 5.53
CA ALA A 1 -6.81 -7.30 4.10
C ALA A 1 -5.52 -8.05 3.80
N THR A 2 -5.56 -8.93 2.81
CA THR A 2 -4.39 -9.71 2.43
C THR A 2 -3.25 -8.77 2.03
N CYS A 3 -2.08 -9.01 2.58
CA CYS A 3 -0.92 -8.18 2.29
C CYS A 3 0.34 -8.95 2.66
N ASP A 4 1.37 -8.82 1.83
CA ASP A 4 2.62 -9.54 2.06
C ASP A 4 3.20 -9.17 3.42
N LEU A 5 3.65 -10.17 4.15
CA LEU A 5 4.21 -9.96 5.47
C LEU A 5 5.74 -10.05 5.43
N ALA A 6 6.32 -9.33 4.49
CA ALA A 6 7.78 -9.30 4.33
C ALA A 6 8.40 -8.72 5.58
N SER A 7 7.84 -7.62 6.04
CA SER A 7 8.31 -6.95 7.25
C SER A 7 7.14 -6.86 8.21
N PHE A 8 6.85 -5.65 8.69
CA PHE A 8 5.75 -5.41 9.62
C PHE A 8 5.92 -6.19 10.92
N SER A 9 7.17 -6.40 11.32
CA SER A 9 7.48 -7.12 12.55
C SER A 9 6.99 -6.32 13.75
N SER A 10 7.12 -5.01 13.66
CA SER A 10 6.68 -4.10 14.71
C SER A 10 6.12 -2.84 14.07
N GLN A 11 5.30 -3.06 13.05
CA GLN A 11 4.67 -1.99 12.30
C GLN A 11 3.54 -2.55 11.45
N TRP A 12 2.61 -3.23 12.12
CA TRP A 12 1.48 -3.84 11.45
C TRP A 12 0.52 -2.78 10.92
N VAL A 13 -0.06 -3.07 9.75
CA VAL A 13 -1.02 -2.18 9.11
C VAL A 13 -0.42 -0.78 8.91
N THR A 14 0.73 -0.74 8.26
CA THR A 14 1.41 0.52 7.99
C THR A 14 1.36 0.84 6.50
N PRO A 15 1.20 2.13 6.16
CA PRO A 15 1.13 2.58 4.76
C PRO A 15 2.46 2.42 4.03
N ASN A 16 2.61 3.17 2.93
CA ASN A 16 3.83 3.15 2.11
C ASN A 16 3.99 1.83 1.36
N ASP A 17 3.44 0.76 1.92
CA ASP A 17 3.52 -0.58 1.34
C ASP A 17 4.99 -0.94 1.19
N SER A 18 5.76 -0.56 2.20
CA SER A 18 7.19 -0.81 2.26
C SER A 18 7.98 0.05 1.26
N LEU A 19 7.47 0.19 0.03
CA LEU A 19 8.18 0.98 -0.98
C LEU A 19 7.28 1.43 -2.14
N CYS A 20 6.23 0.65 -2.42
CA CYS A 20 5.34 0.95 -3.54
C CYS A 20 4.82 2.39 -3.52
N ALA A 21 4.63 2.97 -2.34
CA ALA A 21 4.15 4.34 -2.22
C ALA A 21 5.06 5.32 -2.95
N ALA A 22 6.35 5.00 -3.03
CA ALA A 22 7.31 5.86 -3.73
C ALA A 22 6.88 6.11 -5.17
N HIS A 23 6.36 5.06 -5.82
CA HIS A 23 5.88 5.17 -7.19
C HIS A 23 4.69 6.13 -7.23
N CYS A 24 3.85 6.03 -6.21
CA CYS A 24 2.68 6.87 -6.07
C CYS A 24 3.10 8.32 -5.83
N ILE A 25 4.07 8.50 -4.95
CA ILE A 25 4.59 9.83 -4.61
C ILE A 25 5.12 10.54 -5.86
N ALA A 26 5.69 9.77 -6.77
CA ALA A 26 6.22 10.31 -8.03
C ALA A 26 5.10 11.01 -8.79
N ARG A 27 3.91 10.40 -8.77
CA ARG A 27 2.74 10.96 -9.44
C ARG A 27 1.94 11.82 -8.47
N ARG A 28 2.59 12.19 -7.36
CA ARG A 28 2.01 13.04 -6.32
C ARG A 28 0.83 12.40 -5.59
N TYR A 29 0.89 11.09 -5.40
CA TYR A 29 -0.16 10.39 -4.66
C TYR A 29 0.32 10.19 -3.23
N ARG A 30 -0.61 10.08 -2.30
CA ARG A 30 -0.27 9.89 -0.89
C ARG A 30 0.46 8.56 -0.69
N GLY A 31 -0.05 7.53 -1.32
CA GLY A 31 0.55 6.21 -1.21
C GLY A 31 -0.32 5.18 -1.87
N GLY A 32 -0.36 3.97 -1.33
CA GLY A 32 -1.19 2.95 -1.92
C GLY A 32 -0.92 1.56 -1.37
N TYR A 33 -0.81 1.45 -0.05
CA TYR A 33 -0.56 0.18 0.58
C TYR A 33 -1.74 -0.77 0.36
N CYS A 34 -1.42 -1.99 -0.10
CA CYS A 34 -2.38 -3.08 -0.39
C CYS A 34 -3.83 -2.71 -0.11
N ASN A 35 -4.55 -2.32 -1.16
CA ASN A 35 -5.94 -1.91 -1.04
C ASN A 35 -6.89 -3.10 -0.94
N GLY A 36 -8.15 -2.88 -1.31
CA GLY A 36 -9.16 -3.93 -1.27
C GLY A 36 -8.82 -5.11 -2.15
N LYS A 37 -8.27 -4.84 -3.33
CA LYS A 37 -7.88 -5.88 -4.27
C LYS A 37 -6.61 -6.59 -3.78
N ARG A 38 -6.15 -6.20 -2.59
CA ARG A 38 -4.95 -6.78 -1.99
C ARG A 38 -3.75 -6.54 -2.88
N VAL A 39 -3.72 -5.37 -3.49
CA VAL A 39 -2.66 -4.97 -4.38
C VAL A 39 -2.38 -3.49 -4.21
N CYS A 40 -1.17 -3.07 -4.51
CA CYS A 40 -0.77 -1.68 -4.37
C CYS A 40 -1.54 -0.81 -5.36
N VAL A 41 -2.26 0.17 -4.84
CA VAL A 41 -3.03 1.08 -5.67
C VAL A 41 -2.83 2.50 -5.16
N CYS A 42 -2.22 3.35 -5.98
CA CYS A 42 -1.96 4.72 -5.60
C CYS A 42 -3.25 5.47 -5.32
N ARG A 43 -3.39 5.92 -4.08
CA ARG A 43 -4.57 6.64 -3.64
C ARG A 43 -4.43 8.13 -3.90
N ALA A 1 -0.50 -12.77 3.96
CA ALA A 1 -1.41 -13.08 2.84
C ALA A 1 -0.72 -12.89 1.51
N THR A 2 0.03 -11.79 1.38
CA THR A 2 0.76 -11.45 0.16
C THR A 2 -0.21 -11.00 -0.94
N CYS A 3 0.03 -9.81 -1.45
CA CYS A 3 -0.82 -9.25 -2.50
C CYS A 3 -0.65 -9.99 -3.82
N ASP A 4 -1.76 -10.53 -4.33
CA ASP A 4 -1.79 -11.24 -5.61
C ASP A 4 -0.77 -12.37 -5.66
N LEU A 5 -1.01 -13.42 -4.88
CA LEU A 5 -0.11 -14.57 -4.84
C LEU A 5 0.03 -15.19 -6.24
N ALA A 6 1.21 -15.01 -6.81
CA ALA A 6 1.53 -15.51 -8.14
C ALA A 6 2.99 -15.21 -8.44
N SER A 7 3.87 -15.97 -7.78
CA SER A 7 5.30 -15.80 -7.91
C SER A 7 5.70 -14.42 -7.38
N PHE A 8 6.68 -13.77 -8.03
CA PHE A 8 7.15 -12.44 -7.62
C PHE A 8 7.92 -12.51 -6.31
N SER A 9 9.12 -11.97 -6.30
CA SER A 9 9.95 -11.96 -5.10
C SER A 9 9.30 -11.14 -4.00
N SER A 10 8.94 -11.82 -2.91
CA SER A 10 8.31 -11.16 -1.79
C SER A 10 9.35 -10.54 -0.86
N GLN A 11 9.17 -9.26 -0.57
CA GLN A 11 10.07 -8.53 0.29
C GLN A 11 9.32 -8.09 1.54
N TRP A 12 8.47 -8.98 2.03
CA TRP A 12 7.63 -8.76 3.20
C TRP A 12 6.55 -7.72 2.92
N VAL A 13 5.32 -8.20 2.80
CA VAL A 13 4.19 -7.35 2.51
C VAL A 13 3.92 -6.40 3.68
N THR A 14 3.82 -5.12 3.37
CA THR A 14 3.56 -4.10 4.38
C THR A 14 2.75 -2.94 3.77
N PRO A 15 1.57 -2.66 4.32
CA PRO A 15 0.69 -1.59 3.85
C PRO A 15 1.15 -0.20 4.25
N ASN A 16 0.19 0.69 4.51
CA ASN A 16 0.44 2.08 4.93
C ASN A 16 1.10 2.89 3.81
N ASP A 17 2.35 2.56 3.48
CA ASP A 17 3.08 3.28 2.45
C ASP A 17 4.42 2.62 2.13
N SER A 18 4.49 1.34 2.33
CA SER A 18 5.72 0.59 2.08
C SER A 18 5.92 0.30 0.59
N LEU A 19 6.99 0.88 0.03
CA LEU A 19 7.40 0.70 -1.38
C LEU A 19 6.40 1.25 -2.39
N CYS A 20 5.14 0.84 -2.29
CA CYS A 20 4.10 1.28 -3.22
C CYS A 20 3.96 2.80 -3.20
N ALA A 21 4.05 3.38 -2.01
CA ALA A 21 3.94 4.82 -1.85
C ALA A 21 4.98 5.56 -2.68
N ALA A 22 6.17 5.00 -2.81
CA ALA A 22 7.24 5.63 -3.58
C ALA A 22 6.78 5.89 -5.02
N HIS A 23 6.12 4.91 -5.61
CA HIS A 23 5.61 5.06 -6.96
C HIS A 23 4.44 6.04 -6.98
N CYS A 24 3.64 5.97 -5.92
CA CYS A 24 2.49 6.86 -5.77
C CYS A 24 2.92 8.31 -5.63
N ILE A 25 3.91 8.54 -4.77
CA ILE A 25 4.43 9.89 -4.55
C ILE A 25 5.00 10.42 -5.87
N ALA A 26 5.60 9.52 -6.63
CA ALA A 26 6.14 9.86 -7.94
C ALA A 26 5.03 10.37 -8.85
N ARG A 27 3.87 9.73 -8.77
CA ARG A 27 2.71 10.12 -9.55
C ARG A 27 1.93 11.24 -8.87
N ARG A 28 2.59 11.89 -7.91
CA ARG A 28 2.00 13.00 -7.16
C ARG A 28 0.81 12.59 -6.30
N TYR A 29 0.79 11.34 -5.84
CA TYR A 29 -0.29 10.88 -4.98
C TYR A 29 0.11 11.06 -3.52
N ARG A 30 -0.65 10.47 -2.62
CA ARG A 30 -0.37 10.56 -1.20
C ARG A 30 0.55 9.42 -0.79
N GLY A 31 0.11 8.19 -1.03
CA GLY A 31 0.91 7.04 -0.68
C GLY A 31 0.11 5.94 -0.02
N GLY A 32 0.52 4.70 -0.25
CA GLY A 32 -0.15 3.56 0.33
C GLY A 32 0.47 2.25 -0.13
N TYR A 33 -0.33 1.21 -0.19
CA TYR A 33 0.14 -0.09 -0.62
C TYR A 33 -1.03 -0.84 -1.27
N CYS A 34 -1.26 -2.07 -0.86
CA CYS A 34 -2.34 -2.85 -1.41
C CYS A 34 -3.68 -2.43 -0.81
N ASN A 35 -4.49 -1.78 -1.64
CA ASN A 35 -5.80 -1.31 -1.21
C ASN A 35 -6.85 -2.40 -1.40
N GLY A 36 -8.09 -2.01 -1.71
CA GLY A 36 -9.15 -2.98 -1.92
C GLY A 36 -8.83 -3.97 -3.02
N LYS A 37 -8.07 -3.52 -4.01
CA LYS A 37 -7.66 -4.36 -5.14
C LYS A 37 -6.72 -5.48 -4.69
N ARG A 38 -6.19 -5.37 -3.47
CA ARG A 38 -5.25 -6.35 -2.92
C ARG A 38 -3.96 -6.36 -3.72
N VAL A 39 -3.61 -5.18 -4.23
CA VAL A 39 -2.40 -4.95 -5.02
C VAL A 39 -1.99 -3.50 -4.81
N CYS A 40 -0.74 -3.17 -5.08
CA CYS A 40 -0.25 -1.79 -4.92
C CYS A 40 -1.17 -0.82 -5.65
N VAL A 41 -1.88 0.00 -4.87
CA VAL A 41 -2.82 0.97 -5.42
C VAL A 41 -2.50 2.34 -4.87
N CYS A 42 -2.36 3.30 -5.77
CA CYS A 42 -2.05 4.67 -5.37
C CYS A 42 -3.30 5.42 -4.97
N ARG A 43 -3.17 6.21 -3.91
CA ARG A 43 -4.26 6.98 -3.39
C ARG A 43 -3.72 8.31 -2.86
N ALA A 1 5.44 -11.86 1.91
CA ALA A 1 5.11 -10.79 0.95
C ALA A 1 3.62 -10.83 0.60
N THR A 2 3.28 -10.40 -0.62
CA THR A 2 1.90 -10.39 -1.11
C THR A 2 0.94 -9.75 -0.10
N CYS A 3 1.23 -8.51 0.28
CA CYS A 3 0.41 -7.76 1.23
C CYS A 3 0.40 -8.47 2.59
N ASP A 4 1.58 -8.91 3.03
CA ASP A 4 1.78 -9.61 4.30
C ASP A 4 0.61 -10.53 4.66
N LEU A 5 0.43 -11.58 3.86
CA LEU A 5 -0.62 -12.55 4.10
C LEU A 5 -0.38 -13.24 5.43
N ALA A 6 0.87 -13.58 5.68
CA ALA A 6 1.26 -14.20 6.94
C ALA A 6 1.41 -13.11 7.99
N SER A 7 0.73 -13.28 9.12
CA SER A 7 0.74 -12.32 10.22
C SER A 7 0.38 -10.91 9.73
N PHE A 8 -0.92 -10.68 9.56
CA PHE A 8 -1.43 -9.39 9.09
C PHE A 8 -0.83 -8.26 9.92
N SER A 9 -0.10 -7.38 9.27
CA SER A 9 0.54 -6.28 9.96
C SER A 9 0.18 -4.94 9.32
N SER A 10 0.21 -4.86 8.00
CA SER A 10 -0.09 -3.63 7.29
C SER A 10 -1.57 -3.26 7.41
N GLN A 11 -1.90 -2.59 8.51
CA GLN A 11 -3.27 -2.16 8.78
C GLN A 11 -3.25 -1.11 9.87
N TRP A 12 -2.22 -0.27 9.83
CA TRP A 12 -2.06 0.81 10.79
C TRP A 12 -2.76 2.06 10.26
N VAL A 13 -2.38 3.22 10.76
CA VAL A 13 -2.95 4.47 10.28
C VAL A 13 -2.39 4.75 8.89
N THR A 14 -3.25 4.70 7.87
CA THR A 14 -2.83 4.89 6.48
C THR A 14 -2.01 3.69 6.02
N PRO A 15 -2.12 3.26 4.74
CA PRO A 15 -1.37 2.11 4.23
C PRO A 15 0.10 2.17 4.65
N ASN A 16 0.69 1.01 4.93
CA ASN A 16 2.08 0.95 5.35
C ASN A 16 2.99 1.60 4.31
N ASP A 17 2.42 1.73 3.11
CA ASP A 17 3.07 2.36 1.96
C ASP A 17 4.52 1.94 1.77
N SER A 18 4.78 0.65 1.93
CA SER A 18 6.12 0.12 1.75
C SER A 18 6.40 -0.01 0.26
N LEU A 19 7.42 0.71 -0.21
CA LEU A 19 7.84 0.72 -1.63
C LEU A 19 6.80 1.41 -2.53
N CYS A 20 5.54 1.04 -2.37
CA CYS A 20 4.45 1.62 -3.16
C CYS A 20 4.41 3.13 -3.01
N ALA A 21 4.68 3.62 -1.82
CA ALA A 21 4.67 5.06 -1.56
C ALA A 21 5.57 5.81 -2.52
N ALA A 22 6.78 5.28 -2.76
CA ALA A 22 7.73 5.90 -3.66
C ALA A 22 7.14 6.10 -5.05
N HIS A 23 6.56 5.04 -5.60
CA HIS A 23 5.93 5.09 -6.92
C HIS A 23 4.74 6.05 -6.91
N CYS A 24 3.96 5.98 -5.86
CA CYS A 24 2.78 6.82 -5.72
C CYS A 24 3.16 8.30 -5.61
N ILE A 25 4.11 8.60 -4.73
CA ILE A 25 4.58 9.96 -4.55
C ILE A 25 5.12 10.53 -5.86
N ALA A 26 5.71 9.65 -6.66
CA ALA A 26 6.25 10.03 -7.96
C ALA A 26 5.16 10.64 -8.85
N ARG A 27 3.93 10.19 -8.66
CA ARG A 27 2.81 10.69 -9.44
C ARG A 27 1.87 11.54 -8.59
N ARG A 28 2.43 12.19 -7.58
CA ARG A 28 1.70 13.08 -6.68
C ARG A 28 0.60 12.36 -5.87
N TYR A 29 0.88 11.15 -5.45
CA TYR A 29 -0.07 10.40 -4.63
C TYR A 29 0.46 10.35 -3.20
N ARG A 30 -0.43 10.22 -2.25
CA ARG A 30 -0.02 10.14 -0.85
C ARG A 30 0.70 8.81 -0.62
N GLY A 31 0.09 7.77 -1.14
CA GLY A 31 0.63 6.44 -1.04
C GLY A 31 -0.32 5.44 -1.66
N GLY A 32 -0.35 4.23 -1.16
CA GLY A 32 -1.28 3.26 -1.70
C GLY A 32 -0.81 1.82 -1.59
N TYR A 33 -0.45 1.40 -0.39
CA TYR A 33 -0.01 0.03 -0.21
C TYR A 33 -1.20 -0.90 -0.06
N CYS A 34 -1.29 -1.88 -0.95
CA CYS A 34 -2.35 -2.90 -0.94
C CYS A 34 -3.72 -2.34 -0.54
N ASN A 35 -4.44 -1.77 -1.51
CA ASN A 35 -5.76 -1.21 -1.25
C ASN A 35 -6.80 -2.31 -0.99
N GLY A 36 -8.07 -1.98 -1.18
CA GLY A 36 -9.15 -2.92 -0.96
C GLY A 36 -9.04 -4.18 -1.81
N LYS A 37 -8.55 -4.02 -3.04
CA LYS A 37 -8.39 -5.14 -3.97
C LYS A 37 -7.22 -6.05 -3.59
N ARG A 38 -6.71 -5.91 -2.37
CA ARG A 38 -5.58 -6.72 -1.89
C ARG A 38 -4.38 -6.62 -2.83
N VAL A 39 -4.19 -5.44 -3.39
CA VAL A 39 -3.11 -5.19 -4.32
C VAL A 39 -2.66 -3.75 -4.22
N CYS A 40 -1.38 -3.51 -4.50
CA CYS A 40 -0.83 -2.17 -4.41
C CYS A 40 -1.49 -1.24 -5.42
N VAL A 41 -2.10 -0.17 -4.93
CA VAL A 41 -2.78 0.81 -5.76
C VAL A 41 -2.62 2.18 -5.15
N CYS A 42 -2.12 3.14 -5.92
CA CYS A 42 -1.92 4.49 -5.43
C CYS A 42 -3.25 5.17 -5.16
N ARG A 43 -3.30 5.92 -4.06
CA ARG A 43 -4.50 6.62 -3.66
C ARG A 43 -4.16 7.94 -2.99
N ALA A 1 5.78 -8.56 -0.27
CA ALA A 1 5.10 -7.32 0.17
C ALA A 1 4.76 -7.40 1.65
N THR A 2 4.98 -6.31 2.36
CA THR A 2 4.71 -6.24 3.79
C THR A 2 3.22 -6.40 4.09
N CYS A 3 2.38 -5.77 3.27
CA CYS A 3 0.93 -5.83 3.44
C CYS A 3 0.36 -7.18 3.03
N ASP A 4 0.91 -8.25 3.61
CA ASP A 4 0.47 -9.62 3.35
C ASP A 4 0.96 -10.48 4.50
N LEU A 5 0.59 -10.05 5.71
CA LEU A 5 0.98 -10.73 6.95
C LEU A 5 2.49 -10.91 7.03
N ALA A 6 3.22 -9.97 6.48
CA ALA A 6 4.68 -10.00 6.50
C ALA A 6 5.23 -9.08 7.57
N SER A 7 4.64 -9.16 8.75
CA SER A 7 5.05 -8.33 9.89
C SER A 7 4.85 -6.85 9.58
N PHE A 8 3.66 -6.52 9.12
CA PHE A 8 3.33 -5.14 8.81
C PHE A 8 2.89 -4.40 10.07
N SER A 9 3.10 -3.10 10.09
CA SER A 9 2.72 -2.27 11.22
C SER A 9 1.20 -2.31 11.40
N SER A 10 0.74 -2.35 12.64
CA SER A 10 -0.69 -2.40 12.97
C SER A 10 -1.40 -3.54 12.21
N GLN A 11 -2.48 -3.22 11.49
CA GLN A 11 -3.22 -4.22 10.74
C GLN A 11 -4.29 -3.56 9.87
N TRP A 12 -4.35 -4.01 8.64
CA TRP A 12 -5.34 -3.56 7.65
C TRP A 12 -5.11 -2.11 7.22
N VAL A 13 -5.21 -1.90 5.90
CA VAL A 13 -5.07 -0.59 5.25
C VAL A 13 -3.92 0.25 5.86
N THR A 14 -2.79 -0.41 6.10
CA THR A 14 -1.65 0.27 6.66
C THR A 14 -0.60 0.56 5.58
N PRO A 15 -0.20 1.85 5.47
CA PRO A 15 0.80 2.28 4.47
C PRO A 15 2.22 1.86 4.85
N ASN A 16 2.41 0.59 5.16
CA ASN A 16 3.73 0.07 5.53
C ASN A 16 4.36 -0.66 4.35
N ASP A 17 3.90 -0.34 3.15
CA ASP A 17 4.43 -0.96 1.94
C ASP A 17 5.78 -0.34 1.59
N SER A 18 5.84 0.99 1.70
CA SER A 18 7.04 1.78 1.44
C SER A 18 7.43 1.81 -0.06
N LEU A 19 7.53 0.65 -0.68
CA LEU A 19 7.93 0.56 -2.07
C LEU A 19 6.88 1.13 -3.03
N CYS A 20 5.65 0.64 -2.92
CA CYS A 20 4.58 1.10 -3.78
C CYS A 20 4.32 2.58 -3.55
N ALA A 21 4.31 2.98 -2.27
CA ALA A 21 4.09 4.36 -1.88
C ALA A 21 5.08 5.29 -2.56
N ALA A 22 6.36 4.92 -2.56
CA ALA A 22 7.41 5.73 -3.18
C ALA A 22 7.08 5.97 -4.66
N HIS A 23 6.63 4.92 -5.32
CA HIS A 23 6.25 4.98 -6.73
C HIS A 23 5.05 5.91 -6.90
N CYS A 24 4.06 5.72 -6.04
CA CYS A 24 2.83 6.50 -6.06
C CYS A 24 3.06 7.98 -5.75
N ILE A 25 3.86 8.26 -4.72
CA ILE A 25 4.15 9.64 -4.32
C ILE A 25 4.71 10.45 -5.48
N ALA A 26 5.51 9.80 -6.31
CA ALA A 26 6.11 10.43 -7.47
C ALA A 26 5.03 11.01 -8.40
N ARG A 27 3.90 10.33 -8.50
CA ARG A 27 2.79 10.79 -9.34
C ARG A 27 1.78 11.61 -8.53
N ARG A 28 2.26 12.26 -7.47
CA ARG A 28 1.42 13.10 -6.61
C ARG A 28 0.35 12.31 -5.85
N TYR A 29 0.69 11.11 -5.38
CA TYR A 29 -0.26 10.32 -4.62
C TYR A 29 0.18 10.26 -3.16
N ARG A 30 -0.79 10.08 -2.28
CA ARG A 30 -0.53 10.01 -0.84
C ARG A 30 0.29 8.77 -0.50
N GLY A 31 -0.16 7.64 -1.02
CA GLY A 31 0.53 6.39 -0.76
C GLY A 31 -0.23 5.22 -1.35
N GLY A 32 0.42 4.47 -2.22
CA GLY A 32 -0.21 3.34 -2.86
C GLY A 32 -0.11 2.07 -2.04
N TYR A 33 -0.50 2.14 -0.79
CA TYR A 33 -0.47 0.96 0.07
C TYR A 33 -1.44 -0.09 -0.42
N CYS A 34 -1.20 -1.34 -0.03
CA CYS A 34 -2.07 -2.44 -0.43
C CYS A 34 -3.51 -2.14 -0.07
N ASN A 35 -4.38 -2.16 -1.07
CA ASN A 35 -5.80 -1.89 -0.86
C ASN A 35 -6.49 -3.10 -0.24
N GLY A 36 -7.77 -3.26 -0.53
CA GLY A 36 -8.51 -4.38 0.00
C GLY A 36 -8.28 -5.67 -0.76
N LYS A 37 -8.14 -5.56 -2.07
CA LYS A 37 -7.92 -6.72 -2.94
C LYS A 37 -6.47 -7.20 -2.91
N ARG A 38 -5.79 -7.00 -1.79
CA ARG A 38 -4.40 -7.43 -1.62
C ARG A 38 -3.53 -6.97 -2.79
N VAL A 39 -3.71 -5.72 -3.19
CA VAL A 39 -2.94 -5.13 -4.27
C VAL A 39 -2.63 -3.69 -3.95
N CYS A 40 -1.37 -3.31 -4.06
CA CYS A 40 -1.00 -1.94 -3.77
C CYS A 40 -1.38 -1.07 -4.95
N VAL A 41 -2.19 -0.05 -4.70
CA VAL A 41 -2.66 0.84 -5.74
C VAL A 41 -2.49 2.27 -5.29
N CYS A 42 -1.89 3.09 -6.15
CA CYS A 42 -1.66 4.49 -5.84
C CYS A 42 -2.94 5.22 -5.51
N ARG A 43 -2.98 5.77 -4.31
CA ARG A 43 -4.14 6.49 -3.83
C ARG A 43 -3.70 7.53 -2.81
#